data_7SR9
#
_entry.id   7SR9
#
_cell.length_a   98.969
_cell.length_b   78.525
_cell.length_c   49.602
_cell.angle_alpha   90.00
_cell.angle_beta   103.22
_cell.angle_gamma   90.00
#
_symmetry.space_group_name_H-M   'C 1 2 1'
#
loop_
_entity.id
_entity.type
_entity.pdbx_description
1 polymer 'Thrombin light chain'
2 polymer 'Thrombin heavy chain'
3 non-polymer 'SULFATE ION'
4 non-polymer 2-acetamido-2-deoxy-beta-D-glucopyranose
5 non-polymer GLYCEROL
6 water water
#
loop_
_entity_poly.entity_id
_entity_poly.type
_entity_poly.pdbx_seq_one_letter_code
_entity_poly.pdbx_strand_id
1 'polypeptide(L)' FGSGEADCGLRPLFEKKSLEDKTERELLESYIDGR A
2 'polypeptide(L)'
;IVEGSDAEIGMSPWQVMLFRKSPQELLCGASLISDRWVLTAAHCLLYPPWDKNFTENDLLVRIGKHSRTRYERNIEKISM
LEKIYIHPRYNWRENLDRDIALMKLKKPVAFSDYIHPVCLPDRETAASLLQAGYKGRVTGWGNLKETWTANVGKGQPSVL
QVVNLPIVERPVCKDSTRIRITDNMFCAGILGDRQDACEGDSGGPFVMKSPFNNRWYQMGIVSWGEGCGLLHNYGFYTHV
FRLKKWIQKVIDQ
;
B
#
loop_
_chem_comp.id
_chem_comp.type
_chem_comp.name
_chem_comp.formula
GOL non-polymer GLYCEROL 'C3 H8 O3'
NAG D-saccharide, beta linking 2-acetamido-2-deoxy-beta-D-glucopyranose 'C8 H15 N O6'
SO4 non-polymer 'SULFATE ION' 'O4 S -2'
#
# COMPACT_ATOMS: atom_id res chain seq x y z
N PHE A 1 3.78 20.25 2.14
CA PHE A 1 4.12 18.84 1.84
C PHE A 1 5.29 18.38 2.73
N GLY A 2 6.28 19.26 2.88
CA GLY A 2 7.53 18.94 3.56
C GLY A 2 8.51 18.34 2.59
N SER A 3 9.73 18.07 3.04
CA SER A 3 10.75 17.51 2.14
C SER A 3 10.37 16.10 1.68
N GLY A 4 10.97 15.69 0.57
CA GLY A 4 10.75 14.36 0.02
C GLY A 4 10.39 14.30 -1.45
N GLU A 5 9.73 15.33 -1.96
CA GLU A 5 9.15 15.34 -3.31
C GLU A 5 10.19 15.21 -4.45
N ALA A 6 11.19 16.09 -4.50
CA ALA A 6 12.20 16.02 -5.57
C ALA A 6 12.94 14.67 -5.65
N ASP A 7 13.22 14.07 -4.49
CA ASP A 7 14.01 12.83 -4.40
C ASP A 7 13.13 11.57 -4.21
N CYS A 8 11.82 11.74 -4.29
CA CYS A 8 10.89 10.64 -4.07
C CYS A 8 11.13 9.45 -5.01
N GLY A 9 10.90 8.24 -4.49
CA GLY A 9 10.81 7.04 -5.29
C GLY A 9 12.13 6.43 -5.72
N LEU A 10 13.24 7.01 -5.26
CA LEU A 10 14.57 6.47 -5.55
C LEU A 10 15.14 5.93 -4.27
N ARG A 11 15.38 4.63 -4.25
CA ARG A 11 15.69 3.97 -2.97
C ARG A 11 17.16 4.08 -2.69
N PRO A 12 17.50 4.48 -1.46
CA PRO A 12 18.89 4.64 -1.09
C PRO A 12 19.71 3.38 -1.35
N LEU A 13 19.11 2.21 -1.16
CA LEU A 13 19.89 0.97 -1.27
C LEU A 13 19.79 0.29 -2.63
N PHE A 14 18.98 0.83 -3.53
CA PHE A 14 18.85 0.23 -4.87
C PHE A 14 19.14 1.25 -5.98
N GLU A 15 18.15 2.04 -6.39
CA GLU A 15 18.36 3.03 -7.45
C GLU A 15 19.61 3.88 -7.22
N LYS A 16 19.78 4.41 -6.02
CA LYS A 16 20.93 5.29 -5.76
C LYS A 16 22.30 4.61 -5.81
N LYS A 17 22.31 3.29 -5.66
CA LYS A 17 23.53 2.51 -5.78
C LYS A 17 23.60 1.71 -7.11
N SER A 18 22.70 1.98 -8.04
CA SER A 18 22.64 1.24 -9.32
C SER A 18 22.52 -0.27 -9.10
N LEU A 19 21.73 -0.62 -8.10
CA LEU A 19 21.52 -2.00 -7.75
C LEU A 19 20.04 -2.27 -8.02
N GLU A 20 19.74 -3.46 -8.54
CA GLU A 20 18.36 -3.86 -8.75
C GLU A 20 17.98 -4.90 -7.71
N ASP A 21 16.73 -4.91 -7.29
CA ASP A 21 16.24 -5.96 -6.37
C ASP A 21 15.88 -7.22 -7.14
N LYS A 22 15.61 -8.29 -6.41
CA LYS A 22 15.47 -9.62 -6.97
C LYS A 22 14.28 -9.86 -7.92
N THR A 23 13.25 -9.01 -7.87
CA THR A 23 12.06 -9.23 -8.71
C THR A 23 11.57 -8.00 -9.49
N GLU A 24 12.33 -6.91 -9.50
CA GLU A 24 11.87 -5.75 -10.29
C GLU A 24 11.88 -5.98 -11.80
N ARG A 25 12.74 -6.90 -12.26
CA ARG A 25 12.76 -7.28 -13.67
C ARG A 25 11.38 -7.75 -14.16
N GLU A 26 10.65 -8.47 -13.31
CA GLU A 26 9.31 -8.93 -13.61
C GLU A 26 8.34 -7.79 -13.91
N LEU A 27 8.51 -6.68 -13.22
CA LEU A 27 7.70 -5.49 -13.46
C LEU A 27 7.96 -4.93 -14.85
N LEU A 28 9.23 -4.65 -15.16
CA LEU A 28 9.63 -4.21 -16.50
C LEU A 28 9.21 -5.19 -17.62
N GLU A 29 9.31 -6.49 -17.37
CA GLU A 29 8.89 -7.46 -18.38
C GLU A 29 7.41 -7.37 -18.68
N SER A 30 6.61 -7.05 -17.67
CA SER A 30 5.17 -6.95 -17.81
C SER A 30 4.76 -5.76 -18.65
N TYR A 31 5.60 -4.71 -18.71
CA TYR A 31 5.33 -3.54 -19.56
C TYR A 31 5.45 -3.89 -21.05
N ILE A 32 6.37 -4.79 -21.36
CA ILE A 32 6.68 -5.16 -22.73
C ILE A 32 5.87 -6.36 -23.20
N ASP A 33 5.66 -7.32 -22.29
CA ASP A 33 4.94 -8.57 -22.62
C ASP A 33 3.49 -8.61 -22.11
N GLY A 34 3.12 -7.68 -21.21
CA GLY A 34 1.81 -7.73 -20.55
C GLY A 34 0.62 -7.24 -21.36
N ARG A 35 0.87 -6.56 -22.46
CA ARG A 35 -0.20 -6.08 -23.36
C ARG A 35 0.16 -6.33 -24.81
N ILE B 1 0.36 -11.18 3.18
CA ILE B 1 0.60 -11.47 1.74
C ILE B 1 0.66 -13.00 1.53
N VAL B 2 -0.18 -13.51 0.61
CA VAL B 2 -0.17 -14.93 0.23
C VAL B 2 0.80 -15.19 -0.91
N GLU B 3 1.67 -16.17 -0.69
CA GLU B 3 2.60 -16.67 -1.70
C GLU B 3 3.52 -15.58 -2.25
N GLY B 4 3.89 -14.64 -1.39
CA GLY B 4 4.93 -13.68 -1.73
C GLY B 4 6.28 -14.20 -1.29
N SER B 5 7.25 -13.30 -1.14
CA SER B 5 8.54 -13.66 -0.55
C SER B 5 9.06 -12.56 0.36
N ASP B 6 10.14 -12.85 1.08
CA ASP B 6 10.73 -11.91 2.02
C ASP B 6 11.23 -10.70 1.28
N ALA B 7 10.84 -9.51 1.72
CA ALA B 7 11.45 -8.29 1.24
C ALA B 7 12.96 -8.29 1.53
N GLU B 8 13.74 -7.71 0.61
CA GLU B 8 15.14 -7.39 0.86
C GLU B 8 15.22 -6.16 1.78
N ILE B 9 16.35 -5.98 2.43
CA ILE B 9 16.56 -4.82 3.30
C ILE B 9 16.44 -3.57 2.44
N GLY B 10 15.68 -2.59 2.91
CA GLY B 10 15.53 -1.34 2.21
C GLY B 10 14.80 -1.41 0.87
N MET B 11 14.20 -2.56 0.56
CA MET B 11 13.45 -2.78 -0.69
C MET B 11 12.20 -1.90 -0.80
N SER B 12 11.63 -1.56 0.34
CA SER B 12 10.38 -0.86 0.39
C SER B 12 10.41 0.20 1.47
N PRO B 13 11.28 1.21 1.32
CA PRO B 13 11.58 2.07 2.48
C PRO B 13 10.47 3.09 2.80
N TRP B 14 9.44 3.13 1.95
CA TRP B 14 8.21 3.88 2.18
C TRP B 14 7.14 3.10 2.96
N GLN B 15 7.35 1.79 3.14
CA GLN B 15 6.42 0.97 3.88
C GLN B 15 6.29 1.48 5.33
N VAL B 16 5.05 1.76 5.73
CA VAL B 16 4.74 2.16 7.11
C VAL B 16 3.86 1.12 7.79
N MET B 17 4.11 0.86 9.06
CA MET B 17 3.27 -0.04 9.84
C MET B 17 2.37 0.82 10.74
N LEU B 18 1.05 0.69 10.58
CA LEU B 18 0.11 1.37 11.50
C LEU B 18 -0.10 0.45 12.69
N PHE B 19 0.09 0.99 13.87
CA PHE B 19 0.26 0.17 15.06
C PHE B 19 -0.67 0.68 16.16
N ARG B 20 -1.32 -0.26 16.85
CA ARG B 20 -2.24 0.11 17.92
C ARG B 20 -1.51 0.12 19.26
N LYS B 21 -1.71 1.18 20.05
CA LYS B 21 -1.01 1.34 21.33
C LYS B 21 -1.38 0.28 22.36
N SER B 22 -2.67 0.12 22.62
CA SER B 22 -3.17 -0.67 23.74
C SER B 22 -4.51 -1.34 23.41
N PRO B 23 -4.52 -2.67 23.18
CA PRO B 23 -3.35 -3.58 23.18
C PRO B 23 -2.44 -3.40 21.94
N GLN B 24 -1.18 -3.80 22.09
CA GLN B 24 -0.19 -3.64 21.03
C GLN B 24 -0.42 -4.64 19.90
N GLU B 25 -0.91 -4.15 18.78
CA GLU B 25 -1.13 -5.02 17.62
C GLU B 25 -0.87 -4.29 16.32
N LEU B 26 -0.40 -5.03 15.32
CA LEU B 26 -0.37 -4.53 13.96
C LEU B 26 -1.81 -4.29 13.52
N LEU B 27 -2.08 -3.08 13.02
CA LEU B 27 -3.39 -2.76 12.48
C LEU B 27 -3.47 -2.88 10.96
N CYS B 28 -2.55 -2.21 10.27
CA CYS B 28 -2.65 -2.06 8.84
C CYS B 28 -1.27 -1.71 8.29
N GLY B 29 -1.14 -1.73 6.97
CA GLY B 29 -0.02 -1.09 6.32
C GLY B 29 -0.32 0.37 6.04
N ALA B 30 0.71 1.09 5.61
CA ALA B 30 0.55 2.47 5.14
C ALA B 30 1.77 2.85 4.34
N SER B 31 1.83 4.07 3.82
CA SER B 31 2.98 4.47 3.02
C SER B 31 3.46 5.88 3.38
N LEU B 32 4.77 6.10 3.23
CA LEU B 32 5.36 7.39 3.56
C LEU B 32 5.47 8.20 2.27
N ILE B 33 4.79 9.34 2.21
CA ILE B 33 4.79 10.12 0.97
C ILE B 33 5.62 11.41 1.06
N SER B 34 6.03 11.76 2.28
CA SER B 34 6.96 12.86 2.50
C SER B 34 7.47 12.66 3.91
N ASP B 35 8.25 13.60 4.44
CA ASP B 35 8.78 13.48 5.79
C ASP B 35 7.67 13.65 6.85
N ARG B 36 6.46 13.97 6.42
CA ARG B 36 5.42 14.49 7.28
C ARG B 36 4.09 13.77 7.11
N TRP B 37 3.89 13.16 5.94
CA TRP B 37 2.57 12.68 5.53
C TRP B 37 2.57 11.19 5.23
N VAL B 38 1.57 10.50 5.75
CA VAL B 38 1.45 9.07 5.59
C VAL B 38 0.08 8.76 5.02
N LEU B 39 0.06 7.87 4.02
CA LEU B 39 -1.15 7.51 3.30
C LEU B 39 -1.58 6.10 3.69
N THR B 40 -2.88 5.90 3.89
CA THR B 40 -3.45 4.59 4.22
C THR B 40 -4.90 4.45 3.69
N ALA B 41 -5.53 3.31 3.98
CA ALA B 41 -6.94 3.10 3.63
C ALA B 41 -7.79 3.70 4.74
N ALA B 42 -8.89 4.34 4.36
CA ALA B 42 -9.91 4.81 5.28
C ALA B 42 -10.42 3.73 6.22
N HIS B 43 -10.63 2.53 5.69
CA HIS B 43 -11.21 1.43 6.48
C HIS B 43 -10.28 0.90 7.60
N CYS B 44 -9.01 1.28 7.56
CA CYS B 44 -8.07 0.94 8.63
C CYS B 44 -8.28 1.83 9.85
N LEU B 45 -8.90 2.98 9.63
CA LEU B 45 -9.13 3.95 10.70
C LEU B 45 -10.58 3.96 11.15
N LEU B 46 -11.50 3.76 10.21
CA LEU B 46 -12.93 3.86 10.47
C LEU B 46 -13.74 2.77 9.76
N TYR B 47 -14.30 1.86 10.54
CA TYR B 47 -15.22 0.87 10.00
C TYR B 47 -16.24 0.44 11.06
N PRO B 48 -17.39 1.16 11.14
CA PRO B 48 -18.40 0.88 12.16
C PRO B 48 -18.81 -0.61 12.33
N PRO B 49 -19.01 -1.36 11.23
CA PRO B 49 -19.42 -2.76 11.39
C PRO B 49 -18.42 -3.63 12.16
N TRP B 50 -17.21 -3.12 12.42
CA TRP B 50 -16.24 -3.85 13.22
C TRP B 50 -15.86 -3.12 14.50
N ASP B 51 -16.68 -2.14 14.92
CA ASP B 51 -16.35 -1.25 16.05
C ASP B 51 -14.99 -0.55 15.88
N LYS B 52 -14.71 -0.10 14.66
CA LYS B 52 -13.47 0.57 14.36
C LYS B 52 -13.75 2.06 14.18
N ASN B 53 -13.08 2.89 14.98
CA ASN B 53 -13.17 4.34 14.89
C ASN B 53 -12.05 4.94 15.74
N PHE B 54 -10.86 5.05 15.15
CA PHE B 54 -9.65 5.42 15.87
C PHE B 54 -9.38 6.93 15.90
N THR B 55 -9.07 7.44 17.10
CA THR B 55 -8.50 8.78 17.28
C THR B 55 -7.01 8.72 16.98
N GLU B 56 -6.38 9.89 16.90
CA GLU B 56 -4.94 10.02 16.71
C GLU B 56 -4.17 9.43 17.90
N ASN B 57 -4.73 9.57 19.11
CA ASN B 57 -4.14 9.04 20.33
C ASN B 57 -4.07 7.52 20.46
N ASP B 58 -4.85 6.80 19.64
CA ASP B 58 -4.93 5.34 19.71
C ASP B 58 -3.79 4.66 18.97
N LEU B 59 -3.20 5.40 18.04
CA LEU B 59 -2.26 4.83 17.08
C LEU B 59 -0.91 5.50 17.08
N LEU B 60 0.05 4.79 16.48
CA LEU B 60 1.45 5.25 16.25
C LEU B 60 1.97 4.52 15.00
N VAL B 61 2.68 5.22 14.11
CA VAL B 61 3.22 4.60 12.93
C VAL B 61 4.69 4.24 13.16
N ARG B 62 5.08 3.14 12.56
CA ARG B 62 6.44 2.62 12.67
C ARG B 62 6.96 2.57 11.26
N ILE B 63 8.09 3.25 11.04
CA ILE B 63 8.67 3.46 9.71
C ILE B 63 10.10 2.86 9.67
N GLY B 64 10.51 2.34 8.52
CA GLY B 64 11.86 1.78 8.38
C GLY B 64 11.97 0.32 8.79
N LYS B 65 10.83 -0.36 8.97
CA LYS B 65 10.83 -1.68 9.58
C LYS B 65 11.00 -2.79 8.58
N HIS B 66 11.49 -3.91 9.07
CA HIS B 66 11.68 -5.10 8.31
C HIS B 66 11.05 -6.31 9.03
N SER B 67 11.55 -6.62 10.23
CA SER B 67 10.96 -7.64 11.10
C SER B 67 9.56 -7.16 11.49
N ARG B 68 8.60 -8.09 11.59
CA ARG B 68 7.26 -7.78 12.09
C ARG B 68 7.23 -7.37 13.56
N THR B 69 8.09 -7.98 14.38
CA THR B 69 7.97 -7.89 15.84
C THR B 69 9.16 -7.25 16.57
N ARG B 70 10.37 -7.46 16.06
CA ARG B 70 11.60 -6.96 16.70
C ARG B 70 11.70 -5.43 16.68
N TYR B 71 12.09 -4.84 17.81
CA TYR B 71 12.46 -3.42 17.81
C TYR B 71 13.76 -3.27 17.00
N GLU B 72 13.72 -2.48 15.94
CA GLU B 72 14.88 -2.29 15.05
C GLU B 72 15.60 -0.97 15.40
N ARG B 73 16.37 -1.04 16.49
CA ARG B 73 17.05 0.10 17.07
C ARG B 73 17.87 0.88 16.04
N ASN B 74 17.66 2.19 16.02
CA ASN B 74 18.38 3.12 15.14
C ASN B 74 18.11 2.94 13.64
N ILE B 75 17.05 2.18 13.33
CA ILE B 75 16.58 1.97 11.96
C ILE B 75 15.11 2.44 11.85
N GLU B 76 14.26 1.76 12.61
CA GLU B 76 12.85 2.12 12.64
C GLU B 76 12.67 3.38 13.46
N LYS B 77 11.74 4.22 13.01
CA LYS B 77 11.33 5.39 13.75
C LYS B 77 9.85 5.27 14.10
N ILE B 78 9.52 5.60 15.35
CA ILE B 78 8.15 5.54 15.82
C ILE B 78 7.61 6.98 15.87
N SER B 79 6.58 7.28 15.09
CA SER B 79 5.99 8.63 15.09
C SER B 79 4.56 8.60 15.57
N MET B 80 4.18 9.68 16.25
CA MET B 80 2.82 9.85 16.74
C MET B 80 2.09 10.70 15.70
N LEU B 81 0.77 10.70 15.77
CA LEU B 81 -0.06 11.39 14.76
C LEU B 81 -0.58 12.75 15.22
N GLU B 82 -0.40 13.78 14.39
CA GLU B 82 -1.02 15.07 14.64
C GLU B 82 -2.53 15.05 14.34
N LYS B 83 -2.88 14.64 13.12
CA LYS B 83 -4.25 14.69 12.66
C LYS B 83 -4.54 13.60 11.64
N ILE B 84 -5.75 13.04 11.72
CA ILE B 84 -6.24 12.08 10.73
C ILE B 84 -7.18 12.76 9.74
N TYR B 85 -7.01 12.46 8.47
CA TYR B 85 -7.92 12.96 7.44
C TYR B 85 -8.53 11.80 6.66
N ILE B 86 -9.83 11.58 6.84
CA ILE B 86 -10.53 10.52 6.13
C ILE B 86 -11.28 11.19 4.99
N HIS B 87 -11.31 10.55 3.82
CA HIS B 87 -12.04 11.12 2.69
C HIS B 87 -13.49 11.38 3.11
N PRO B 88 -14.04 12.57 2.80
CA PRO B 88 -15.38 12.79 3.36
C PRO B 88 -16.50 12.02 2.64
N ARG B 89 -16.22 11.49 1.45
CA ARG B 89 -17.20 10.70 0.73
C ARG B 89 -16.83 9.21 0.74
N TYR B 90 -15.98 8.83 1.69
CA TYR B 90 -15.65 7.43 1.92
C TYR B 90 -16.93 6.62 2.16
N ASN B 91 -17.12 5.54 1.41
CA ASN B 91 -18.37 4.76 1.44
C ASN B 91 -18.20 3.37 2.05
N TRP B 92 -18.18 3.31 3.37
CA TRP B 92 -18.03 2.05 4.09
C TRP B 92 -19.28 1.18 4.07
N ARG B 93 -20.45 1.82 3.92
CA ARG B 93 -21.72 1.12 3.97
C ARG B 93 -21.92 0.11 2.84
N GLU B 94 -21.40 0.43 1.66
CA GLU B 94 -21.64 -0.38 0.47
C GLU B 94 -20.43 -1.14 -0.11
N ASN B 95 -19.37 -0.43 -0.51
CA ASN B 95 -18.29 -1.03 -1.30
C ASN B 95 -16.89 -0.52 -0.98
N LEU B 96 -16.77 0.32 0.05
CA LEU B 96 -15.49 0.94 0.39
C LEU B 96 -15.00 1.92 -0.70
N ASP B 97 -15.93 2.57 -1.39
CA ASP B 97 -15.54 3.60 -2.37
C ASP B 97 -14.78 4.73 -1.67
N ARG B 98 -13.72 5.22 -2.33
CA ARG B 98 -12.81 6.26 -1.81
C ARG B 98 -12.18 5.87 -0.49
N ASP B 99 -11.55 4.70 -0.49
CA ASP B 99 -10.94 4.12 0.68
C ASP B 99 -9.53 4.69 0.83
N ILE B 100 -9.49 5.93 1.30
CA ILE B 100 -8.25 6.69 1.39
C ILE B 100 -8.27 7.60 2.63
N ALA B 101 -7.13 7.73 3.27
CA ALA B 101 -6.99 8.51 4.47
C ALA B 101 -5.56 9.03 4.57
N LEU B 102 -5.39 10.26 5.07
CA LEU B 102 -4.06 10.79 5.32
C LEU B 102 -3.81 10.93 6.81
N MET B 103 -2.58 10.67 7.23
CA MET B 103 -2.17 11.01 8.59
C MET B 103 -0.95 11.94 8.59
N LYS B 104 -1.10 13.06 9.31
CA LYS B 104 -0.01 14.00 9.47
C LYS B 104 0.79 13.64 10.70
N LEU B 105 2.10 13.43 10.53
CA LEU B 105 2.97 13.17 11.68
C LEU B 105 3.12 14.44 12.54
N LYS B 106 3.10 14.26 13.86
CA LYS B 106 3.36 15.33 14.81
C LYS B 106 4.73 15.96 14.56
N LYS B 107 5.68 15.15 14.11
CA LYS B 107 7.07 15.55 13.95
C LYS B 107 7.63 14.93 12.66
N PRO B 108 8.25 15.74 11.79
CA PRO B 108 8.79 15.16 10.55
C PRO B 108 9.80 14.04 10.85
N VAL B 109 9.82 13.01 10.02
CA VAL B 109 10.72 11.88 10.21
C VAL B 109 12.01 12.15 9.41
N ALA B 110 13.13 11.62 9.88
CA ALA B 110 14.37 11.74 9.12
C ALA B 110 14.46 10.56 8.15
N PHE B 111 14.88 10.84 6.91
CA PHE B 111 15.12 9.80 5.90
C PHE B 111 16.48 9.12 6.17
N SER B 112 16.60 7.85 5.78
CA SER B 112 17.85 7.13 5.95
C SER B 112 17.97 6.15 4.79
N ASP B 113 18.88 5.17 4.92
CA ASP B 113 18.94 4.05 3.98
C ASP B 113 17.67 3.21 3.99
N TYR B 114 16.89 3.31 5.06
CA TYR B 114 15.80 2.41 5.34
C TYR B 114 14.44 3.11 5.31
N ILE B 115 14.48 4.44 5.27
CA ILE B 115 13.31 5.31 5.29
C ILE B 115 13.41 6.31 4.14
N HIS B 116 12.45 6.26 3.21
CA HIS B 116 12.43 7.16 2.07
C HIS B 116 11.01 7.23 1.48
N PRO B 117 10.55 8.43 1.07
CA PRO B 117 9.18 8.51 0.56
C PRO B 117 8.99 7.98 -0.88
N VAL B 118 7.80 7.42 -1.12
CA VAL B 118 7.36 7.03 -2.46
C VAL B 118 6.79 8.27 -3.21
N CYS B 119 6.82 8.22 -4.55
CA CYS B 119 6.25 9.30 -5.37
C CYS B 119 4.75 9.11 -5.56
N LEU B 120 4.03 10.21 -5.70
CA LEU B 120 2.64 10.15 -6.14
C LEU B 120 2.53 10.36 -7.65
N PRO B 121 1.65 9.60 -8.31
CA PRO B 121 1.57 9.68 -9.75
C PRO B 121 1.04 11.04 -10.20
N ASP B 122 1.55 11.54 -11.32
CA ASP B 122 0.85 12.59 -12.06
C ASP B 122 -0.02 11.92 -13.15
N ARG B 123 -0.66 12.72 -14.00
CA ARG B 123 -1.62 12.18 -14.96
C ARG B 123 -0.97 11.29 -16.01
N GLU B 124 0.18 11.74 -16.52
CA GLU B 124 0.94 11.04 -17.55
C GLU B 124 1.43 9.69 -17.05
N THR B 125 2.00 9.67 -15.85
CA THR B 125 2.48 8.43 -15.21
C THR B 125 1.34 7.44 -15.04
N ALA B 126 0.19 7.91 -14.56
CA ALA B 126 -1.01 7.09 -14.42
C ALA B 126 -1.55 6.56 -15.76
N ALA B 127 -1.63 7.42 -16.78
CA ALA B 127 -2.02 6.97 -18.12
C ALA B 127 -1.03 5.93 -18.67
N SER B 128 0.27 6.16 -18.50
CA SER B 128 1.29 5.19 -18.94
C SER B 128 1.31 3.84 -18.20
N LEU B 129 1.27 3.88 -16.87
CA LEU B 129 1.55 2.71 -16.07
C LEU B 129 0.31 1.94 -15.64
N LEU B 130 -0.77 2.63 -15.37
CA LEU B 130 -1.95 1.92 -14.86
C LEU B 130 -2.76 1.34 -16.03
N GLN B 131 -2.29 0.22 -16.56
CA GLN B 131 -2.93 -0.45 -17.71
C GLN B 131 -2.99 -1.94 -17.41
N ALA B 132 -4.03 -2.60 -17.91
CA ALA B 132 -4.23 -4.00 -17.65
C ALA B 132 -3.07 -4.83 -18.17
N GLY B 133 -2.59 -5.77 -17.37
CA GLY B 133 -1.44 -6.58 -17.71
C GLY B 133 -0.13 -6.06 -17.11
N TYR B 134 -0.07 -4.76 -16.83
CA TYR B 134 1.13 -4.23 -16.21
C TYR B 134 1.13 -4.63 -14.72
N LYS B 135 2.30 -4.91 -14.18
CA LYS B 135 2.43 -5.35 -12.79
C LYS B 135 2.90 -4.26 -11.86
N GLY B 136 2.27 -4.21 -10.70
CA GLY B 136 2.78 -3.44 -9.59
C GLY B 136 3.14 -4.36 -8.43
N ARG B 137 3.60 -3.77 -7.33
CA ARG B 137 4.14 -4.52 -6.22
C ARG B 137 3.42 -4.11 -4.95
N VAL B 138 3.06 -5.12 -4.16
CA VAL B 138 2.41 -4.91 -2.88
C VAL B 138 3.33 -5.48 -1.80
N THR B 139 3.37 -4.82 -0.64
CA THR B 139 4.14 -5.29 0.50
C THR B 139 3.33 -5.15 1.80
N GLY B 140 3.62 -6.02 2.76
CA GLY B 140 2.99 -5.94 4.06
C GLY B 140 3.33 -7.09 4.98
N TRP B 141 2.79 -7.01 6.19
CA TRP B 141 2.98 -7.96 7.28
C TRP B 141 1.70 -8.76 7.55
N GLY B 142 0.80 -8.76 6.58
CA GLY B 142 -0.46 -9.47 6.69
C GLY B 142 -0.25 -10.97 6.59
N ASN B 143 -1.30 -11.72 6.89
CA ASN B 143 -1.17 -13.18 6.93
C ASN B 143 -0.77 -13.87 5.63
N LEU B 144 -0.25 -15.11 5.77
CA LEU B 144 0.42 -15.84 4.69
C LEU B 144 -0.40 -16.91 3.95
N LYS B 145 -1.46 -17.43 4.58
CA LYS B 145 -2.20 -18.54 3.98
C LYS B 145 -3.64 -18.14 3.66
N GLU B 146 -4.18 -18.73 2.59
CA GLU B 146 -5.53 -18.44 2.09
C GLU B 146 -6.63 -18.66 3.11
N THR B 147 -7.64 -17.79 3.08
CA THR B 147 -8.88 -17.98 3.86
C THR B 147 -10.06 -17.71 2.94
N TRP B 148 -11.12 -18.51 3.11
CA TRP B 148 -12.34 -18.39 2.32
C TRP B 148 -13.36 -17.39 2.89
N THR B 149 -13.63 -17.50 4.19
CA THR B 149 -14.72 -16.78 4.86
C THR B 149 -14.38 -15.35 5.33
N ALA B 150 -13.11 -14.97 5.24
CA ALA B 150 -12.63 -13.63 5.62
C ALA B 150 -11.36 -13.32 4.84
N ASN B 151 -11.01 -12.04 4.75
CA ASN B 151 -9.83 -11.57 4.02
C ASN B 151 -8.58 -11.58 4.91
N VAL B 152 -8.70 -12.10 6.13
CA VAL B 152 -7.59 -12.05 7.10
C VAL B 152 -6.41 -12.92 6.69
N GLY B 153 -6.67 -14.10 6.14
CA GLY B 153 -5.62 -15.11 5.98
C GLY B 153 -5.19 -15.70 7.32
N LYS B 154 -4.30 -16.69 7.27
CA LYS B 154 -3.76 -17.34 8.47
C LYS B 154 -2.23 -17.37 8.39
N GLY B 155 -1.57 -17.38 9.54
CA GLY B 155 -0.12 -17.47 9.62
C GLY B 155 0.52 -16.11 9.45
N GLN B 156 1.18 -15.65 10.52
CA GLN B 156 1.86 -14.35 10.55
C GLN B 156 3.31 -14.48 10.07
N PRO B 157 3.79 -13.52 9.24
CA PRO B 157 5.16 -13.56 8.76
C PRO B 157 6.14 -13.04 9.79
N SER B 158 7.40 -13.44 9.71
CA SER B 158 8.33 -12.84 10.67
C SER B 158 8.95 -11.59 10.09
N VAL B 159 8.94 -11.50 8.77
CA VAL B 159 9.59 -10.43 8.02
C VAL B 159 8.62 -9.91 6.93
N LEU B 160 8.69 -8.61 6.63
CA LEU B 160 7.95 -7.97 5.53
C LEU B 160 7.93 -8.80 4.25
N GLN B 161 6.73 -8.95 3.67
CA GLN B 161 6.54 -9.80 2.49
C GLN B 161 6.31 -8.97 1.26
N VAL B 162 6.67 -9.51 0.11
CA VAL B 162 6.50 -8.80 -1.15
C VAL B 162 5.92 -9.70 -2.21
N VAL B 163 5.04 -9.11 -3.01
CA VAL B 163 4.48 -9.82 -4.14
C VAL B 163 4.20 -8.82 -5.26
N ASN B 164 4.44 -9.24 -6.49
CA ASN B 164 4.13 -8.49 -7.70
C ASN B 164 2.86 -9.04 -8.33
N LEU B 165 1.94 -8.16 -8.73
CA LEU B 165 0.64 -8.59 -9.26
C LEU B 165 0.24 -7.75 -10.49
N PRO B 166 -0.41 -8.36 -11.50
CA PRO B 166 -0.80 -7.56 -12.66
C PRO B 166 -2.16 -6.90 -12.49
N ILE B 167 -2.28 -5.70 -13.04
CA ILE B 167 -3.56 -4.99 -13.13
C ILE B 167 -4.49 -5.77 -14.07
N VAL B 168 -5.75 -5.87 -13.67
CA VAL B 168 -6.78 -6.62 -14.40
C VAL B 168 -7.76 -5.63 -15.09
N GLU B 169 -8.23 -5.99 -16.30
CA GLU B 169 -9.19 -5.20 -17.07
C GLU B 169 -10.46 -4.89 -16.27
N ARG B 170 -10.96 -3.67 -16.38
CA ARG B 170 -12.15 -3.28 -15.62
C ARG B 170 -13.38 -4.21 -15.83
N PRO B 171 -13.70 -4.61 -17.09
CA PRO B 171 -14.82 -5.56 -17.19
C PRO B 171 -14.60 -6.88 -16.43
N VAL B 172 -13.36 -7.35 -16.39
CA VAL B 172 -13.04 -8.60 -15.71
C VAL B 172 -13.19 -8.47 -14.18
N CYS B 173 -12.68 -7.39 -13.63
CA CYS B 173 -12.86 -7.03 -12.21
C CYS B 173 -14.34 -7.04 -11.83
N LYS B 174 -15.14 -6.32 -12.64
CA LYS B 174 -16.58 -6.23 -12.45
C LYS B 174 -17.27 -7.59 -12.49
N ASP B 175 -16.93 -8.47 -13.44
CA ASP B 175 -17.55 -9.80 -13.52
C ASP B 175 -17.16 -10.71 -12.36
N SER B 176 -16.07 -10.38 -11.68
CA SER B 176 -15.49 -11.23 -10.65
C SER B 176 -16.11 -11.04 -9.29
N THR B 177 -17.01 -10.06 -9.17
CA THR B 177 -17.59 -9.70 -7.87
C THR B 177 -19.00 -9.13 -8.02
N ARG B 178 -19.87 -9.44 -7.06
CA ARG B 178 -21.21 -8.87 -6.99
C ARG B 178 -21.22 -7.46 -6.41
N ILE B 179 -20.15 -7.08 -5.71
CA ILE B 179 -20.01 -5.72 -5.17
C ILE B 179 -19.78 -4.70 -6.28
N ARG B 180 -20.50 -3.56 -6.20
CA ARG B 180 -20.40 -2.49 -7.19
C ARG B 180 -19.03 -1.85 -7.12
N ILE B 181 -18.31 -1.89 -8.24
CA ILE B 181 -16.97 -1.32 -8.30
C ILE B 181 -17.07 0.07 -8.95
N THR B 182 -16.13 0.95 -8.64
CA THR B 182 -16.22 2.34 -9.09
C THR B 182 -14.93 2.68 -9.78
N ASP B 183 -14.91 3.83 -10.44
CA ASP B 183 -13.70 4.38 -11.03
C ASP B 183 -12.58 4.68 -10.00
N ASN B 184 -12.92 4.72 -8.71
CA ASN B 184 -11.93 4.98 -7.68
C ASN B 184 -11.22 3.72 -7.19
N MET B 185 -11.48 2.61 -7.89
CA MET B 185 -10.91 1.32 -7.56
C MET B 185 -10.34 0.72 -8.83
N PHE B 186 -9.36 -0.16 -8.64
CA PHE B 186 -8.95 -1.07 -9.69
C PHE B 186 -8.65 -2.39 -9.03
N CYS B 187 -8.52 -3.46 -9.81
CA CYS B 187 -8.20 -4.75 -9.25
C CYS B 187 -6.95 -5.33 -9.88
N ALA B 188 -6.35 -6.28 -9.17
CA ALA B 188 -5.07 -6.86 -9.57
C ALA B 188 -5.01 -8.33 -9.12
N GLY B 189 -4.25 -9.14 -9.86
CA GLY B 189 -4.08 -10.53 -9.48
C GLY B 189 -4.06 -11.41 -10.71
N ILE B 190 -3.65 -12.68 -10.54
CA ILE B 190 -3.72 -13.66 -11.61
C ILE B 190 -4.80 -14.70 -11.29
N LEU B 191 -5.73 -14.93 -12.22
CA LEU B 191 -6.75 -15.97 -12.07
C LEU B 191 -6.02 -17.29 -11.94
N GLY B 192 -6.44 -18.13 -11.00
CA GLY B 192 -5.78 -19.41 -10.85
C GLY B 192 -4.51 -19.39 -10.02
N ASP B 193 -4.19 -18.23 -9.45
CA ASP B 193 -3.00 -18.03 -8.67
C ASP B 193 -3.40 -17.54 -7.27
N ARG B 194 -2.65 -17.93 -6.24
CA ARG B 194 -3.03 -17.51 -4.87
C ARG B 194 -2.43 -16.16 -4.40
N GLN B 195 -1.47 -15.62 -5.15
CA GLN B 195 -0.81 -14.38 -4.74
C GLN B 195 -1.84 -13.27 -4.47
N ASP B 196 -1.76 -12.69 -3.28
CA ASP B 196 -2.82 -11.80 -2.82
C ASP B 196 -2.32 -11.02 -1.60
N ALA B 197 -2.98 -9.91 -1.33
CA ALA B 197 -2.78 -9.12 -0.13
C ALA B 197 -3.96 -9.40 0.78
N CYS B 198 -3.69 -9.60 2.07
CA CYS B 198 -4.73 -9.91 3.03
C CYS B 198 -5.06 -8.69 3.88
N GLU B 199 -5.90 -8.88 4.90
CA GLU B 199 -6.43 -7.79 5.68
C GLU B 199 -5.33 -6.98 6.36
N GLY B 200 -4.34 -7.68 6.93
CA GLY B 200 -3.22 -7.05 7.61
C GLY B 200 -2.32 -6.25 6.68
N ASP B 201 -2.47 -6.48 5.37
CA ASP B 201 -1.78 -5.72 4.34
C ASP B 201 -2.54 -4.48 3.93
N SER B 202 -3.82 -4.42 4.30
CA SER B 202 -4.70 -3.28 3.99
C SER B 202 -4.02 -1.95 4.34
N GLY B 203 -4.14 -0.99 3.42
CA GLY B 203 -3.69 0.39 3.67
C GLY B 203 -2.30 0.58 3.13
N GLY B 204 -1.61 -0.53 2.84
CA GLY B 204 -0.28 -0.48 2.30
C GLY B 204 -0.27 -0.15 0.81
N PRO B 205 0.92 0.03 0.25
CA PRO B 205 0.99 0.55 -1.11
C PRO B 205 1.04 -0.51 -2.20
N PHE B 206 0.39 -0.18 -3.33
CA PHE B 206 0.60 -0.84 -4.59
C PHE B 206 1.46 0.12 -5.42
N VAL B 207 2.71 -0.27 -5.68
CA VAL B 207 3.68 0.64 -6.28
C VAL B 207 4.16 0.14 -7.64
N MET B 208 4.53 1.08 -8.51
CA MET B 208 5.08 0.71 -9.82
C MET B 208 6.35 1.49 -10.11
N LYS B 209 7.32 0.82 -10.74
CA LYS B 209 8.58 1.47 -11.09
C LYS B 209 8.49 2.00 -12.52
N SER B 210 8.63 3.32 -12.66
CA SER B 210 8.59 3.95 -13.95
C SER B 210 9.82 3.53 -14.75
N PRO B 211 9.59 3.03 -15.99
CA PRO B 211 10.66 2.68 -16.91
C PRO B 211 11.37 3.93 -17.47
N PHE B 212 10.83 5.11 -17.19
CA PHE B 212 11.32 6.36 -17.78
C PHE B 212 12.33 7.07 -16.90
N ASN B 213 12.07 7.10 -15.59
CA ASN B 213 12.95 7.81 -14.68
C ASN B 213 13.43 6.96 -13.50
N ASN B 214 13.09 5.67 -13.50
CA ASN B 214 13.47 4.75 -12.45
C ASN B 214 12.88 5.02 -11.06
N ARG B 215 11.88 5.89 -10.97
CA ARG B 215 11.25 6.20 -9.68
C ARG B 215 10.05 5.30 -9.42
N TRP B 216 9.82 5.00 -8.17
CA TRP B 216 8.68 4.22 -7.76
C TRP B 216 7.49 5.13 -7.44
N TYR B 217 6.33 4.73 -7.96
CA TYR B 217 5.11 5.52 -7.85
C TYR B 217 4.05 4.68 -7.17
N GLN B 218 3.40 5.23 -6.15
CA GLN B 218 2.25 4.54 -5.54
C GLN B 218 0.99 4.72 -6.40
N MET B 219 0.55 3.66 -7.05
CA MET B 219 -0.64 3.74 -7.90
C MET B 219 -1.92 3.36 -7.15
N GLY B 220 -1.78 2.55 -6.11
CA GLY B 220 -2.90 2.08 -5.36
C GLY B 220 -2.63 1.90 -3.88
N ILE B 221 -3.72 1.65 -3.16
CA ILE B 221 -3.70 1.32 -1.75
C ILE B 221 -4.49 0.02 -1.61
N VAL B 222 -3.96 -0.95 -0.86
CA VAL B 222 -4.68 -2.21 -0.60
C VAL B 222 -6.01 -1.91 0.11
N SER B 223 -7.11 -2.18 -0.57
CA SER B 223 -8.41 -1.75 -0.09
C SER B 223 -9.28 -2.87 0.42
N TRP B 224 -9.55 -3.87 -0.43
CA TRP B 224 -10.41 -4.97 -0.02
C TRP B 224 -10.30 -6.21 -0.93
N GLY B 225 -10.73 -7.34 -0.38
CA GLY B 225 -10.82 -8.59 -1.12
C GLY B 225 -11.97 -9.40 -0.55
N GLU B 226 -12.43 -10.40 -1.29
CA GLU B 226 -13.37 -11.38 -0.77
C GLU B 226 -12.56 -12.65 -0.57
N GLY B 227 -12.36 -13.02 0.68
CA GLY B 227 -11.32 -13.99 1.01
C GLY B 227 -9.93 -13.43 0.78
N CYS B 228 -8.91 -14.24 1.08
CA CYS B 228 -7.53 -13.91 0.71
C CYS B 228 -6.94 -15.14 0.05
N GLY B 229 -6.21 -14.90 -1.04
CA GLY B 229 -5.50 -15.95 -1.74
C GLY B 229 -6.35 -16.98 -2.43
N LEU B 230 -7.56 -16.62 -2.85
CA LEU B 230 -8.43 -17.60 -3.51
C LEU B 230 -8.13 -17.71 -5.02
N LEU B 231 -8.42 -18.86 -5.62
CA LEU B 231 -8.10 -19.09 -7.03
C LEU B 231 -9.01 -18.38 -8.05
N HIS B 232 -10.18 -17.90 -7.63
CA HIS B 232 -11.19 -17.50 -8.62
C HIS B 232 -11.40 -16.00 -8.68
N ASN B 233 -10.70 -15.24 -7.85
CA ASN B 233 -10.89 -13.80 -7.84
C ASN B 233 -9.62 -12.95 -7.64
N TYR B 234 -9.84 -11.65 -7.47
CA TYR B 234 -8.80 -10.63 -7.48
C TYR B 234 -8.94 -9.73 -6.27
N GLY B 235 -7.90 -8.96 -5.98
CA GLY B 235 -7.97 -7.97 -4.88
C GLY B 235 -8.20 -6.58 -5.43
N PHE B 236 -8.76 -5.72 -4.61
CA PHE B 236 -9.12 -4.37 -5.02
C PHE B 236 -8.32 -3.32 -4.31
N TYR B 237 -8.10 -2.22 -5.03
CA TYR B 237 -7.11 -1.24 -4.65
C TYR B 237 -7.70 0.14 -4.83
N THR B 238 -7.34 1.05 -3.93
CA THR B 238 -7.78 2.44 -4.08
C THR B 238 -6.96 3.03 -5.21
N HIS B 239 -7.63 3.74 -6.11
CA HIS B 239 -7.02 4.39 -7.29
C HIS B 239 -6.48 5.73 -6.85
N VAL B 240 -5.18 5.80 -6.59
CA VAL B 240 -4.59 6.98 -5.93
C VAL B 240 -4.62 8.22 -6.85
N PHE B 241 -4.28 8.05 -8.13
CA PHE B 241 -4.30 9.23 -8.98
C PHE B 241 -5.69 9.85 -9.05
N ARG B 242 -6.74 9.03 -9.09
CA ARG B 242 -8.08 9.58 -9.20
C ARG B 242 -8.55 10.36 -7.98
N LEU B 243 -7.88 10.15 -6.86
CA LEU B 243 -8.18 10.90 -5.63
C LEU B 243 -7.08 11.94 -5.26
N LYS B 244 -6.20 12.26 -6.22
CA LYS B 244 -5.01 13.08 -5.97
C LYS B 244 -5.38 14.51 -5.62
N LYS B 245 -6.45 15.03 -6.20
CA LYS B 245 -6.93 16.38 -5.91
C LYS B 245 -7.36 16.52 -4.45
N TRP B 246 -7.98 15.48 -3.91
CA TRP B 246 -8.31 15.49 -2.49
C TRP B 246 -7.05 15.45 -1.61
N ILE B 247 -6.07 14.63 -2.01
CA ILE B 247 -4.80 14.53 -1.29
C ILE B 247 -4.10 15.89 -1.22
N GLN B 248 -3.97 16.53 -2.39
CA GLN B 248 -3.34 17.84 -2.52
C GLN B 248 -4.13 18.91 -1.76
N LYS B 249 -5.45 18.77 -1.72
CA LYS B 249 -6.31 19.70 -1.01
C LYS B 249 -5.94 19.68 0.47
N VAL B 250 -6.01 18.49 1.06
CA VAL B 250 -5.65 18.29 2.46
C VAL B 250 -4.26 18.83 2.80
N ILE B 251 -3.28 18.51 1.97
CA ILE B 251 -1.90 18.88 2.23
C ILE B 251 -1.68 20.40 2.19
N ASP B 252 -2.29 21.05 1.21
CA ASP B 252 -2.17 22.51 1.03
C ASP B 252 -2.85 23.32 2.13
N GLN B 253 -3.97 22.80 2.64
CA GLN B 253 -4.78 23.54 3.59
C GLN B 253 -4.23 23.59 5.01
S SO4 C . 12.44 18.27 -1.46
O1 SO4 C . 12.72 16.85 -1.62
O2 SO4 C . 12.95 19.01 -2.61
O3 SO4 C . 13.07 18.76 -0.23
O4 SO4 C . 11.00 18.49 -1.37
C1 NAG D . -15.97 8.27 16.06
C2 NAG D . -17.40 8.66 15.70
C3 NAG D . -17.68 10.11 16.06
C4 NAG D . -17.47 10.34 17.54
C5 NAG D . -16.64 9.21 18.17
C6 NAG D . -17.51 7.99 18.46
C7 NAG D . -18.12 7.30 13.81
C8 NAG D . -18.04 7.11 12.33
N2 NAG D . -17.63 8.44 14.28
O3 NAG D . -19.03 10.44 15.70
O4 NAG D . -16.78 11.58 17.74
O5 NAG D . -15.57 8.85 17.29
O6 NAG D . -17.04 7.37 19.67
O7 NAG D . -18.61 6.46 14.55
S SO4 E . -11.56 -20.44 6.00
O1 SO4 E . -12.75 -21.30 6.01
O2 SO4 E . -10.85 -20.73 4.73
O3 SO4 E . -12.03 -19.05 6.11
O4 SO4 E . -10.67 -20.67 7.12
S SO4 F . 13.46 12.76 -13.18
O1 SO4 F . 14.35 12.36 -14.27
O2 SO4 F . 13.64 11.78 -12.09
O3 SO4 F . 12.07 12.78 -13.63
O4 SO4 F . 13.83 14.08 -12.69
S SO4 G . -10.41 2.73 -16.46
O1 SO4 G . -11.46 1.75 -16.68
O2 SO4 G . -9.20 2.04 -16.02
O3 SO4 G . -10.13 3.45 -17.71
O4 SO4 G . -10.84 3.67 -15.43
S SO4 H . -0.89 16.03 -12.30
O1 SO4 H . -1.32 15.15 -13.37
O2 SO4 H . 0.49 16.44 -12.51
O3 SO4 H . -1.76 17.20 -12.31
O4 SO4 H . -1.03 15.36 -11.00
C1 GOL I . -7.15 -0.02 -14.16
O1 GOL I . -7.95 1.11 -13.87
C2 GOL I . -8.02 -1.12 -14.77
O2 GOL I . -8.61 -0.58 -15.92
C3 GOL I . -9.09 -1.59 -13.78
O3 GOL I . -8.55 -2.49 -12.82
#